data_1G6C
#
_entry.id   1G6C
#
_cell.length_a   76.650
_cell.length_b   76.650
_cell.length_c   140.070
_cell.angle_alpha   90.00
_cell.angle_beta   90.00
_cell.angle_gamma   90.00
#
_symmetry.space_group_name_H-M   'P 43 21 2'
#
loop_
_entity.id
_entity.type
_entity.pdbx_description
1 polymer 'THIAMIN PHOSPHATE SYNTHASE'
2 non-polymer 'MAGNESIUM ION'
3 non-polymer 2-TRIFLUOROMETHYL-5-METHYLENE-5H-PYRIMIDIN-4-YLIDENEAMINE
4 non-polymer 'PYROPHOSPHATE 2-'
5 non-polymer '4-METHYL-5-HYDROXYETHYLTHIAZOLE PHOSPHATE'
6 water water
#
_entity_poly.entity_id   1
_entity_poly.type   'polypeptide(L)'
_entity_poly.pdbx_seq_one_letter_code
;HHGIRMTRISREMMKELLSVYFIMGSNNTKADPVTVVQKALKGGATLYQFREKGGDALTGEARIKFAEKAQAACREAGVP
FIVNDDVELALNLKADGIHIGQEDANAKEVRAAIGDMILGVAAHTMSEVKQAEEDGADYVGLGPIYPTETKKDTRAVQGV
SLIEAVRRQGISIPIVGIGGITIDNAAPVIQAGADGVSMISAISQAEDPESAARKFREEIQTYKTGR
;
_entity_poly.pdbx_strand_id   A,B
#
# COMPACT_ATOMS: atom_id res chain seq x y z
N HIS A 2 -4.37 7.93 -4.97
CA HIS A 2 -3.24 7.16 -5.56
C HIS A 2 -3.17 5.75 -4.98
N GLY A 3 -3.81 4.81 -5.68
CA GLY A 3 -3.82 3.43 -5.23
C GLY A 3 -2.84 2.60 -6.03
N ILE A 4 -3.01 1.28 -6.01
CA ILE A 4 -2.13 0.39 -6.76
C ILE A 4 -2.32 0.61 -8.25
N ARG A 5 -1.24 0.94 -8.94
CA ARG A 5 -1.29 1.18 -10.39
C ARG A 5 -1.28 -0.09 -11.21
N MET A 6 -2.19 -0.15 -12.19
CA MET A 6 -2.28 -1.30 -13.08
C MET A 6 -1.88 -0.89 -14.49
N THR A 7 -1.35 0.33 -14.60
CA THR A 7 -0.89 0.89 -15.87
C THR A 7 0.23 1.89 -15.60
N ARG A 8 1.08 2.11 -16.58
CA ARG A 8 2.17 3.08 -16.44
C ARG A 8 1.55 4.46 -16.29
N ILE A 9 2.13 5.29 -15.43
CA ILE A 9 1.61 6.63 -15.23
C ILE A 9 1.73 7.43 -16.53
N SER A 10 0.76 8.30 -16.81
CA SER A 10 0.81 9.10 -18.02
C SER A 10 1.81 10.22 -17.84
N ARG A 11 2.39 10.68 -18.94
CA ARG A 11 3.37 11.75 -18.87
C ARG A 11 2.74 13.03 -18.35
N GLU A 12 1.48 13.27 -18.70
CA GLU A 12 0.78 14.47 -18.24
C GLU A 12 0.70 14.47 -16.70
N MET A 13 0.28 13.35 -16.13
CA MET A 13 0.17 13.26 -14.68
C MET A 13 1.52 13.32 -14.00
N MET A 14 2.51 12.63 -14.57
CA MET A 14 3.85 12.64 -13.98
C MET A 14 4.41 14.06 -13.93
N LYS A 15 4.25 14.81 -15.00
CA LYS A 15 4.76 16.18 -15.03
C LYS A 15 4.08 17.07 -13.99
N GLU A 16 2.81 16.80 -13.70
CA GLU A 16 2.10 17.57 -12.69
C GLU A 16 2.66 17.26 -11.30
N LEU A 17 2.94 15.99 -11.06
CA LEU A 17 3.47 15.57 -9.76
C LEU A 17 4.85 16.13 -9.43
N LEU A 18 5.66 16.34 -10.46
CA LEU A 18 7.02 16.84 -10.28
C LEU A 18 7.16 18.31 -9.88
N SER A 19 6.07 19.07 -9.99
CA SER A 19 6.07 20.51 -9.69
C SER A 19 6.92 20.93 -8.49
N VAL A 20 6.56 20.47 -7.31
CA VAL A 20 7.30 20.77 -6.08
C VAL A 20 7.56 19.43 -5.42
N TYR A 21 8.74 18.88 -5.72
CA TYR A 21 9.16 17.55 -5.26
C TYR A 21 10.08 17.64 -4.04
N PHE A 22 9.49 17.44 -2.85
CA PHE A 22 10.25 17.50 -1.60
C PHE A 22 10.91 16.16 -1.27
N ILE A 23 12.18 16.22 -0.92
CA ILE A 23 12.97 15.04 -0.59
C ILE A 23 13.51 15.23 0.83
N MET A 24 13.44 14.20 1.67
CA MET A 24 13.96 14.36 3.02
C MET A 24 14.21 13.08 3.79
N GLY A 25 15.17 13.18 4.70
CA GLY A 25 15.55 12.10 5.60
C GLY A 25 15.64 12.75 6.98
N SER A 26 15.71 11.94 8.04
CA SER A 26 15.76 12.47 9.39
C SER A 26 17.00 13.31 9.68
N ASN A 27 18.06 13.10 8.92
CA ASN A 27 19.29 13.84 9.14
C ASN A 27 19.42 15.11 8.30
N ASN A 28 18.31 15.57 7.72
CA ASN A 28 18.31 16.78 6.91
C ASN A 28 17.64 17.96 7.62
N THR A 29 17.22 17.75 8.86
CA THR A 29 16.55 18.81 9.63
C THR A 29 16.84 18.68 11.12
N LYS A 30 16.80 19.81 11.82
CA LYS A 30 17.03 19.77 13.27
C LYS A 30 15.69 19.70 13.99
N ALA A 31 14.60 19.75 13.24
CA ALA A 31 13.26 19.68 13.82
C ALA A 31 12.80 18.22 13.81
N ASP A 32 11.55 17.98 14.17
CA ASP A 32 11.05 16.61 14.16
C ASP A 32 10.81 16.24 12.70
N PRO A 33 11.46 15.17 12.22
CA PRO A 33 11.31 14.74 10.83
C PRO A 33 9.89 14.65 10.27
N VAL A 34 9.03 13.85 10.89
CA VAL A 34 7.68 13.69 10.38
C VAL A 34 6.92 15.01 10.39
N THR A 35 7.14 15.82 11.42
CA THR A 35 6.46 17.11 11.49
C THR A 35 6.82 17.99 10.30
N VAL A 36 8.10 17.99 9.92
CA VAL A 36 8.53 18.79 8.77
C VAL A 36 7.87 18.28 7.49
N VAL A 37 7.79 16.97 7.33
CA VAL A 37 7.17 16.41 6.14
C VAL A 37 5.70 16.84 6.10
N GLN A 38 5.01 16.76 7.24
CA GLN A 38 3.62 17.17 7.32
C GLN A 38 3.43 18.64 6.91
N LYS A 39 4.33 19.50 7.37
CA LYS A 39 4.26 20.92 7.06
C LYS A 39 4.53 21.19 5.57
N ALA A 40 5.47 20.45 5.00
CA ALA A 40 5.80 20.62 3.59
C ALA A 40 4.59 20.21 2.73
N LEU A 41 3.93 19.13 3.12
CA LEU A 41 2.76 18.67 2.39
C LEU A 41 1.60 19.66 2.53
N LYS A 42 1.42 20.21 3.74
CA LYS A 42 0.35 21.18 3.98
C LYS A 42 0.58 22.43 3.14
N GLY A 43 1.84 22.83 3.02
CA GLY A 43 2.19 24.00 2.24
C GLY A 43 1.95 23.86 0.75
N GLY A 44 2.12 22.65 0.22
CA GLY A 44 1.88 22.48 -1.20
C GLY A 44 2.80 21.55 -1.98
N ALA A 45 3.67 20.79 -1.30
CA ALA A 45 4.54 19.88 -2.03
C ALA A 45 3.66 18.90 -2.79
N THR A 46 4.01 18.62 -4.04
CA THR A 46 3.22 17.74 -4.88
C THR A 46 3.71 16.29 -4.94
N LEU A 47 4.91 16.03 -4.44
CA LEU A 47 5.47 14.69 -4.44
C LEU A 47 6.50 14.64 -3.32
N TYR A 48 6.68 13.48 -2.71
CA TYR A 48 7.65 13.33 -1.63
C TYR A 48 8.51 12.08 -1.79
N GLN A 49 9.80 12.24 -1.56
CA GLN A 49 10.75 11.15 -1.64
C GLN A 49 11.41 10.87 -0.28
N PHE A 50 11.25 9.63 0.19
CA PHE A 50 11.84 9.18 1.43
C PHE A 50 13.30 8.83 1.14
N ARG A 51 14.21 9.68 1.61
CA ARG A 51 15.64 9.47 1.37
C ARG A 51 16.36 9.47 2.72
N GLU A 52 16.60 8.26 3.25
CA GLU A 52 17.23 8.06 4.55
C GLU A 52 18.56 7.33 4.40
N LYS A 53 19.65 8.09 4.32
CA LYS A 53 20.97 7.49 4.16
C LYS A 53 22.05 8.37 4.77
N GLY A 54 23.21 7.78 5.02
CA GLY A 54 24.31 8.52 5.62
C GLY A 54 24.69 7.89 6.96
N GLY A 55 25.74 8.42 7.57
CA GLY A 55 26.19 7.89 8.84
C GLY A 55 25.24 8.03 10.01
N ASP A 56 24.54 9.15 10.08
CA ASP A 56 23.61 9.38 11.19
C ASP A 56 22.14 9.16 10.84
N ALA A 57 21.88 8.43 9.75
CA ALA A 57 20.51 8.14 9.34
C ALA A 57 20.01 6.93 10.12
N LEU A 58 18.69 6.79 10.21
CA LEU A 58 18.10 5.66 10.91
C LEU A 58 18.28 4.38 10.09
N THR A 59 18.36 3.25 10.78
CA THR A 59 18.51 1.97 10.11
C THR A 59 17.59 0.95 10.78
N GLY A 60 17.54 -0.26 10.23
CA GLY A 60 16.71 -1.31 10.80
C GLY A 60 15.24 -0.98 10.95
N GLU A 61 14.64 -1.51 12.01
CA GLU A 61 13.23 -1.31 12.30
C GLU A 61 12.88 0.17 12.51
N ALA A 62 13.81 0.94 13.07
CA ALA A 62 13.55 2.36 13.30
C ALA A 62 13.35 3.07 11.98
N ARG A 63 14.13 2.69 10.96
CA ARG A 63 14.00 3.30 9.63
C ARG A 63 12.66 2.94 9.00
N ILE A 64 12.27 1.68 9.11
CA ILE A 64 10.99 1.23 8.55
C ILE A 64 9.82 1.97 9.21
N LYS A 65 9.86 2.10 10.53
CA LYS A 65 8.78 2.79 11.24
C LYS A 65 8.68 4.26 10.84
N PHE A 66 9.82 4.91 10.65
CA PHE A 66 9.83 6.31 10.21
C PHE A 66 9.23 6.38 8.80
N ALA A 67 9.59 5.45 7.93
CA ALA A 67 9.07 5.42 6.58
C ALA A 67 7.54 5.27 6.57
N GLU A 68 7.02 4.42 7.45
CA GLU A 68 5.58 4.20 7.55
C GLU A 68 4.85 5.48 7.94
N LYS A 69 5.41 6.22 8.89
CA LYS A 69 4.79 7.46 9.34
C LYS A 69 4.84 8.52 8.25
N ALA A 70 5.92 8.55 7.49
CA ALA A 70 6.02 9.53 6.41
C ALA A 70 5.03 9.16 5.31
N GLN A 71 4.88 7.86 5.06
CA GLN A 71 3.95 7.40 4.03
C GLN A 71 2.51 7.74 4.44
N ALA A 72 2.22 7.62 5.74
CA ALA A 72 0.89 7.93 6.24
C ALA A 72 0.59 9.41 6.10
N ALA A 73 1.61 10.25 6.30
CA ALA A 73 1.44 11.69 6.16
C ALA A 73 1.12 12.01 4.71
N CYS A 74 1.79 11.33 3.78
CA CYS A 74 1.53 11.55 2.35
C CYS A 74 0.11 11.12 2.01
N ARG A 75 -0.33 9.99 2.55
CA ARG A 75 -1.69 9.50 2.29
C ARG A 75 -2.73 10.52 2.74
N GLU A 76 -2.52 11.10 3.91
CA GLU A 76 -3.46 12.09 4.44
C GLU A 76 -3.52 13.34 3.57
N ALA A 77 -2.40 13.67 2.91
CA ALA A 77 -2.34 14.84 2.05
C ALA A 77 -2.70 14.54 0.60
N GLY A 78 -2.84 13.25 0.28
CA GLY A 78 -3.18 12.85 -1.08
C GLY A 78 -2.01 13.01 -2.05
N VAL A 79 -0.79 12.90 -1.52
CA VAL A 79 0.43 13.04 -2.31
C VAL A 79 1.18 11.71 -2.41
N PRO A 80 1.72 11.38 -3.61
CA PRO A 80 2.45 10.11 -3.75
C PRO A 80 3.75 10.05 -2.93
N PHE A 81 4.07 8.84 -2.47
CA PHE A 81 5.24 8.55 -1.63
C PHE A 81 6.25 7.75 -2.46
N ILE A 82 7.45 8.32 -2.66
CA ILE A 82 8.51 7.68 -3.43
C ILE A 82 9.67 7.29 -2.52
N VAL A 83 10.21 6.09 -2.72
CA VAL A 83 11.34 5.63 -1.91
C VAL A 83 12.65 5.74 -2.69
N ASN A 84 13.70 6.27 -2.06
CA ASN A 84 14.98 6.37 -2.73
C ASN A 84 15.83 5.12 -2.50
N ASP A 85 16.51 4.67 -3.57
CA ASP A 85 17.42 3.53 -3.53
C ASP A 85 16.88 2.12 -3.24
N ASP A 86 16.18 2.00 -2.12
CA ASP A 86 15.65 0.72 -1.61
C ASP A 86 14.44 0.09 -2.29
N VAL A 87 14.68 -0.78 -3.28
CA VAL A 87 13.59 -1.44 -3.99
C VAL A 87 12.74 -2.30 -3.07
N GLU A 88 13.39 -3.05 -2.20
CA GLU A 88 12.67 -3.93 -1.27
C GLU A 88 11.72 -3.13 -0.37
N LEU A 89 12.20 -2.01 0.15
CA LEU A 89 11.35 -1.18 1.02
C LEU A 89 10.16 -0.63 0.24
N ALA A 90 10.40 -0.21 -0.99
CA ALA A 90 9.32 0.33 -1.81
C ALA A 90 8.23 -0.72 -2.01
N LEU A 91 8.63 -1.96 -2.27
CA LEU A 91 7.66 -3.02 -2.48
C LEU A 91 6.95 -3.41 -1.18
N ASN A 92 7.71 -3.50 -0.10
CA ASN A 92 7.15 -3.88 1.20
C ASN A 92 6.13 -2.89 1.75
N LEU A 93 6.33 -1.61 1.48
CA LEU A 93 5.42 -0.56 1.95
C LEU A 93 4.32 -0.22 0.95
N LYS A 94 4.42 -0.78 -0.25
CA LYS A 94 3.47 -0.49 -1.30
C LYS A 94 3.60 1.01 -1.62
N ALA A 95 4.84 1.47 -1.74
CA ALA A 95 5.10 2.85 -2.07
C ALA A 95 4.57 3.12 -3.48
N ASP A 96 4.44 4.39 -3.82
CA ASP A 96 3.94 4.74 -5.15
C ASP A 96 5.05 4.70 -6.19
N GLY A 97 6.29 4.75 -5.74
CA GLY A 97 7.40 4.71 -6.67
C GLY A 97 8.75 4.55 -6.02
N ILE A 98 9.77 4.49 -6.87
CA ILE A 98 11.14 4.34 -6.43
C ILE A 98 12.06 5.21 -7.29
N HIS A 99 13.08 5.79 -6.65
CA HIS A 99 14.04 6.61 -7.36
C HIS A 99 15.42 5.96 -7.23
N ILE A 100 16.14 5.86 -8.34
CA ILE A 100 17.48 5.27 -8.33
C ILE A 100 18.47 6.11 -9.12
N GLY A 101 19.75 5.96 -8.78
CA GLY A 101 20.81 6.68 -9.45
C GLY A 101 21.70 5.78 -10.26
N GLN A 102 22.74 6.34 -10.86
CA GLN A 102 23.66 5.60 -11.71
C GLN A 102 24.48 4.51 -11.01
N GLU A 103 24.62 4.61 -9.69
CA GLU A 103 25.39 3.64 -8.91
C GLU A 103 24.49 2.64 -8.19
N ASP A 104 23.18 2.75 -8.41
CA ASP A 104 22.22 1.86 -7.76
C ASP A 104 21.82 0.71 -8.70
N ALA A 105 20.78 -0.03 -8.32
CA ALA A 105 20.33 -1.15 -9.15
C ALA A 105 20.04 -0.66 -10.56
N ASN A 106 20.33 -1.50 -11.56
CA ASN A 106 20.10 -1.13 -12.95
C ASN A 106 18.61 -0.89 -13.19
N ALA A 107 18.28 0.17 -13.92
CA ALA A 107 16.90 0.54 -14.22
C ALA A 107 16.08 -0.58 -14.85
N LYS A 108 16.70 -1.37 -15.72
CA LYS A 108 16.00 -2.48 -16.37
C LYS A 108 15.55 -3.49 -15.32
N GLU A 109 16.44 -3.78 -14.37
CA GLU A 109 16.16 -4.72 -13.31
C GLU A 109 15.06 -4.18 -12.39
N VAL A 110 15.14 -2.90 -12.07
CA VAL A 110 14.14 -2.29 -11.20
C VAL A 110 12.76 -2.22 -11.83
N ARG A 111 12.68 -1.80 -13.09
CA ARG A 111 11.39 -1.74 -13.76
C ARG A 111 10.70 -3.10 -13.75
N ALA A 112 11.47 -4.16 -13.95
CA ALA A 112 10.92 -5.50 -13.98
C ALA A 112 10.39 -5.93 -12.62
N ALA A 113 11.02 -5.45 -11.55
CA ALA A 113 10.63 -5.81 -10.20
C ALA A 113 9.46 -5.03 -9.61
N ILE A 114 9.21 -3.83 -10.12
CA ILE A 114 8.14 -2.97 -9.58
C ILE A 114 6.85 -2.87 -10.36
N GLY A 115 6.74 -3.59 -11.48
CA GLY A 115 5.51 -3.51 -12.25
C GLY A 115 5.28 -2.13 -12.83
N ASP A 116 4.11 -1.56 -12.55
CA ASP A 116 3.75 -0.24 -13.07
C ASP A 116 3.96 0.92 -12.10
N MET A 117 4.76 0.69 -11.06
CA MET A 117 5.03 1.74 -10.08
C MET A 117 5.84 2.84 -10.76
N ILE A 118 5.84 4.03 -10.17
CA ILE A 118 6.61 5.15 -10.72
C ILE A 118 8.10 4.88 -10.54
N LEU A 119 8.86 5.12 -11.61
CA LEU A 119 10.30 4.92 -11.58
C LEU A 119 11.04 6.18 -12.01
N GLY A 120 11.87 6.70 -11.11
CA GLY A 120 12.67 7.88 -11.41
C GLY A 120 14.14 7.51 -11.47
N VAL A 121 14.87 8.14 -12.38
CA VAL A 121 16.30 7.87 -12.53
C VAL A 121 17.10 9.17 -12.57
N ALA A 122 18.15 9.23 -11.75
CA ALA A 122 19.02 10.40 -11.71
C ALA A 122 19.95 10.31 -12.91
N ALA A 123 20.06 11.40 -13.67
CA ALA A 123 20.93 11.43 -14.84
C ALA A 123 21.75 12.73 -14.86
N HIS A 124 22.96 12.65 -15.39
CA HIS A 124 23.86 13.81 -15.43
C HIS A 124 24.35 14.09 -16.85
N THR A 125 24.14 13.14 -17.75
CA THR A 125 24.57 13.30 -19.14
C THR A 125 23.46 12.89 -20.11
N MET A 126 23.60 13.28 -21.37
CA MET A 126 22.63 12.95 -22.39
C MET A 126 22.53 11.43 -22.56
N SER A 127 23.67 10.75 -22.52
CA SER A 127 23.70 9.30 -22.67
C SER A 127 22.89 8.63 -21.56
N GLU A 128 23.03 9.11 -20.33
CA GLU A 128 22.29 8.54 -19.21
C GLU A 128 20.80 8.83 -19.32
N VAL A 129 20.45 10.01 -19.81
CA VAL A 129 19.05 10.38 -19.97
C VAL A 129 18.40 9.45 -21.00
N LYS A 130 19.07 9.26 -22.12
CA LYS A 130 18.54 8.39 -23.16
C LYS A 130 18.44 6.95 -22.68
N GLN A 131 19.41 6.50 -21.88
CA GLN A 131 19.39 5.13 -21.38
C GLN A 131 18.24 4.93 -20.40
N ALA A 132 17.99 5.94 -19.58
CA ALA A 132 16.90 5.86 -18.59
C ALA A 132 15.55 5.72 -19.29
N GLU A 133 15.35 6.50 -20.34
CA GLU A 133 14.09 6.45 -21.08
C GLU A 133 13.92 5.07 -21.71
N GLU A 134 15.00 4.53 -22.26
CA GLU A 134 14.98 3.22 -22.89
C GLU A 134 14.69 2.11 -21.88
N ASP A 135 15.21 2.28 -20.66
CA ASP A 135 15.01 1.28 -19.61
C ASP A 135 13.63 1.30 -18.98
N GLY A 136 12.82 2.31 -19.30
CA GLY A 136 11.48 2.39 -18.76
C GLY A 136 11.23 3.37 -17.61
N ALA A 137 12.11 4.36 -17.45
CA ALA A 137 11.91 5.34 -16.38
C ALA A 137 10.71 6.23 -16.71
N ASP A 138 9.99 6.67 -15.68
CA ASP A 138 8.84 7.55 -15.87
C ASP A 138 9.28 9.01 -15.79
N TYR A 139 10.43 9.26 -15.16
CA TYR A 139 10.96 10.62 -15.05
C TYR A 139 12.45 10.57 -14.78
N VAL A 140 13.13 11.68 -15.04
CA VAL A 140 14.56 11.77 -14.76
C VAL A 140 14.82 13.00 -13.90
N GLY A 141 15.77 12.85 -12.98
CA GLY A 141 16.16 13.95 -12.12
C GLY A 141 17.51 14.42 -12.62
N LEU A 142 17.58 15.67 -13.07
CA LEU A 142 18.81 16.22 -13.61
C LEU A 142 19.46 17.26 -12.71
N GLY A 143 20.77 17.16 -12.57
CA GLY A 143 21.50 18.09 -11.73
C GLY A 143 22.91 17.59 -11.47
N PRO A 144 23.62 18.20 -10.51
CA PRO A 144 23.12 19.32 -9.70
C PRO A 144 23.03 20.60 -10.51
N ILE A 145 21.91 21.31 -10.38
CA ILE A 145 21.73 22.56 -11.11
C ILE A 145 22.63 23.64 -10.50
N TYR A 146 22.61 23.72 -9.18
CA TYR A 146 23.39 24.70 -8.42
C TYR A 146 24.21 23.97 -7.35
N PRO A 147 25.19 24.65 -6.73
CA PRO A 147 25.99 24.00 -5.69
C PRO A 147 25.16 23.50 -4.52
N THR A 148 25.56 22.36 -3.96
CA THR A 148 24.87 21.78 -2.83
C THR A 148 25.84 21.04 -1.92
N GLU A 149 25.56 21.08 -0.62
CA GLU A 149 26.37 20.40 0.37
C GLU A 149 25.55 19.29 1.02
N THR A 150 24.27 19.25 0.68
CA THR A 150 23.37 18.24 1.25
C THR A 150 23.81 16.84 0.85
N LYS A 151 24.20 16.69 -0.41
CA LYS A 151 24.71 15.42 -0.94
C LYS A 151 26.14 15.77 -1.34
N LYS A 152 27.12 15.11 -0.72
CA LYS A 152 28.53 15.37 -0.99
C LYS A 152 29.11 14.73 -2.25
N ASP A 153 28.77 13.47 -2.49
CA ASP A 153 29.27 12.75 -3.65
C ASP A 153 28.48 13.03 -4.92
N THR A 154 28.45 14.28 -5.33
CA THR A 154 27.71 14.68 -6.53
C THR A 154 28.68 15.00 -7.66
N ARG A 155 28.18 14.95 -8.89
CA ARG A 155 29.01 15.28 -10.04
C ARG A 155 29.01 16.80 -10.19
N ALA A 156 29.77 17.30 -11.16
CA ALA A 156 29.89 18.74 -11.40
C ALA A 156 28.59 19.49 -11.62
N VAL A 157 28.52 20.71 -11.10
CA VAL A 157 27.34 21.55 -11.27
C VAL A 157 27.16 21.83 -12.76
N GLN A 158 25.92 21.74 -13.24
CA GLN A 158 25.64 21.92 -14.66
C GLN A 158 24.63 23.00 -15.03
N GLY A 159 24.12 23.73 -14.05
CA GLY A 159 23.12 24.73 -14.37
C GLY A 159 21.94 24.07 -15.05
N VAL A 160 21.32 24.76 -16.01
CA VAL A 160 20.18 24.19 -16.73
C VAL A 160 20.59 23.70 -18.12
N SER A 161 21.90 23.53 -18.32
CA SER A 161 22.45 23.11 -19.61
C SER A 161 21.88 21.79 -20.14
N LEU A 162 21.83 20.77 -19.29
CA LEU A 162 21.32 19.48 -19.73
C LEU A 162 19.83 19.53 -20.01
N ILE A 163 19.08 20.23 -19.15
CA ILE A 163 17.64 20.36 -19.35
C ILE A 163 17.38 20.94 -20.74
N GLU A 164 18.08 22.02 -21.07
CA GLU A 164 17.93 22.66 -22.38
C GLU A 164 18.31 21.74 -23.53
N ALA A 165 19.42 21.02 -23.37
CA ALA A 165 19.91 20.11 -24.41
C ALA A 165 18.93 18.96 -24.67
N VAL A 166 18.33 18.44 -23.60
CA VAL A 166 17.38 17.35 -23.72
C VAL A 166 16.15 17.76 -24.51
N ARG A 167 15.61 18.94 -24.22
CA ARG A 167 14.44 19.42 -24.93
C ARG A 167 14.79 19.78 -26.37
N ARG A 168 16.04 20.18 -26.59
CA ARG A 168 16.50 20.54 -27.93
C ARG A 168 16.58 19.31 -28.85
N GLN A 169 16.81 18.14 -28.25
CA GLN A 169 16.90 16.91 -29.02
C GLN A 169 15.53 16.27 -29.25
N GLY A 170 14.48 16.96 -28.81
CA GLY A 170 13.13 16.45 -28.99
C GLY A 170 12.66 15.44 -27.96
N ILE A 171 13.36 15.34 -26.84
CA ILE A 171 12.99 14.39 -25.79
C ILE A 171 11.94 15.03 -24.87
N SER A 172 10.79 14.38 -24.73
CA SER A 172 9.71 14.92 -23.90
C SER A 172 9.47 14.22 -22.56
N ILE A 173 10.43 13.40 -22.14
CA ILE A 173 10.31 12.69 -20.87
C ILE A 173 10.17 13.69 -19.72
N PRO A 174 9.41 13.34 -18.67
CA PRO A 174 9.25 14.25 -17.53
C PRO A 174 10.60 14.51 -16.87
N ILE A 175 10.90 15.78 -16.61
CA ILE A 175 12.17 16.18 -16.00
C ILE A 175 11.98 17.01 -14.74
N VAL A 176 12.78 16.73 -13.72
CA VAL A 176 12.74 17.53 -12.52
C VAL A 176 14.19 17.93 -12.25
N GLY A 177 14.39 19.20 -11.91
CA GLY A 177 15.74 19.68 -11.62
C GLY A 177 16.04 19.52 -10.13
N ILE A 178 17.31 19.32 -9.80
CA ILE A 178 17.69 19.14 -8.40
C ILE A 178 19.10 19.65 -8.13
N GLY A 179 19.31 20.11 -6.90
CA GLY A 179 20.61 20.60 -6.49
C GLY A 179 20.68 22.09 -6.17
N GLY A 180 20.64 22.41 -4.89
CA GLY A 180 20.73 23.80 -4.45
C GLY A 180 19.61 24.71 -4.88
N ILE A 181 18.44 24.15 -5.17
CA ILE A 181 17.33 24.96 -5.61
C ILE A 181 16.62 25.65 -4.44
N THR A 182 16.38 26.95 -4.61
CA THR A 182 15.71 27.76 -3.61
C THR A 182 14.57 28.50 -4.30
N ILE A 183 13.78 29.22 -3.51
CA ILE A 183 12.67 29.98 -4.07
C ILE A 183 13.19 31.05 -5.02
N ASP A 184 14.40 31.54 -4.76
CA ASP A 184 15.00 32.59 -5.59
C ASP A 184 15.59 32.16 -6.93
N ASN A 185 15.98 30.89 -7.05
CA ASN A 185 16.57 30.43 -8.31
C ASN A 185 15.82 29.32 -9.03
N ALA A 186 14.58 29.06 -8.63
CA ALA A 186 13.79 28.01 -9.25
C ALA A 186 13.27 28.33 -10.65
N ALA A 187 12.90 29.59 -10.88
CA ALA A 187 12.35 30.00 -12.17
C ALA A 187 13.10 29.53 -13.41
N PRO A 188 14.43 29.76 -13.46
CA PRO A 188 15.20 29.34 -14.63
C PRO A 188 15.12 27.84 -14.93
N VAL A 189 14.91 27.04 -13.90
CA VAL A 189 14.82 25.60 -14.08
C VAL A 189 13.57 25.26 -14.89
N ILE A 190 12.46 25.91 -14.55
CA ILE A 190 11.20 25.68 -15.26
C ILE A 190 11.27 26.30 -16.66
N GLN A 191 11.88 27.47 -16.76
CA GLN A 191 12.00 28.15 -18.04
C GLN A 191 12.85 27.37 -19.04
N ALA A 192 13.79 26.56 -18.53
CA ALA A 192 14.67 25.77 -19.38
C ALA A 192 13.95 24.56 -19.96
N GLY A 193 12.78 24.22 -19.40
CA GLY A 193 12.03 23.09 -19.91
C GLY A 193 11.71 22.01 -18.89
N ALA A 194 12.12 22.21 -17.64
CA ALA A 194 11.83 21.22 -16.60
C ALA A 194 10.37 21.26 -16.22
N ASP A 195 9.87 20.14 -15.69
CA ASP A 195 8.48 20.05 -15.28
C ASP A 195 8.28 20.31 -13.79
N GLY A 196 9.39 20.58 -13.11
CA GLY A 196 9.30 20.88 -11.69
C GLY A 196 10.67 21.01 -11.07
N VAL A 197 10.70 21.31 -9.77
CA VAL A 197 11.96 21.42 -9.05
C VAL A 197 11.89 20.54 -7.81
N SER A 198 13.04 20.01 -7.41
CA SER A 198 13.13 19.16 -6.24
C SER A 198 14.11 19.80 -5.28
N MET A 199 13.86 19.65 -3.98
CA MET A 199 14.71 20.26 -2.98
C MET A 199 14.66 19.54 -1.65
N ILE A 200 15.74 19.68 -0.91
CA ILE A 200 15.82 19.12 0.43
C ILE A 200 15.90 20.29 1.41
N SER A 201 17.09 20.87 1.56
CA SER A 201 17.30 21.95 2.52
C SER A 201 16.46 23.23 2.43
N ALA A 202 16.10 23.67 1.24
CA ALA A 202 15.30 24.90 1.11
C ALA A 202 14.00 24.80 1.91
N ILE A 203 13.51 23.58 2.10
CA ILE A 203 12.29 23.36 2.87
C ILE A 203 12.57 22.71 4.22
N SER A 204 13.42 21.67 4.22
CA SER A 204 13.71 20.96 5.47
C SER A 204 14.40 21.79 6.53
N GLN A 205 15.15 22.81 6.12
CA GLN A 205 15.87 23.65 7.08
C GLN A 205 15.31 25.05 7.18
N ALA A 206 14.15 25.27 6.56
CA ALA A 206 13.49 26.57 6.60
C ALA A 206 12.91 26.81 7.97
N GLU A 207 12.94 28.05 8.43
CA GLU A 207 12.39 28.36 9.74
C GLU A 207 10.87 28.16 9.69
N ASP A 208 10.33 28.15 8.48
CA ASP A 208 8.89 27.97 8.27
C ASP A 208 8.70 27.08 7.03
N PRO A 209 8.80 25.75 7.20
CA PRO A 209 8.64 24.81 6.07
C PRO A 209 7.33 24.88 5.31
N GLU A 210 6.22 25.11 6.02
CA GLU A 210 4.92 25.19 5.37
C GLU A 210 4.90 26.39 4.41
N SER A 211 5.35 27.54 4.89
CA SER A 211 5.38 28.75 4.07
C SER A 211 6.33 28.59 2.89
N ALA A 212 7.46 27.95 3.11
CA ALA A 212 8.44 27.74 2.04
C ALA A 212 7.83 26.88 0.94
N ALA A 213 7.13 25.80 1.33
CA ALA A 213 6.51 24.91 0.36
C ALA A 213 5.41 25.64 -0.41
N ARG A 214 4.64 26.46 0.30
CA ARG A 214 3.57 27.22 -0.33
C ARG A 214 4.13 28.19 -1.35
N LYS A 215 5.26 28.83 -1.03
CA LYS A 215 5.89 29.78 -1.93
C LYS A 215 6.31 29.06 -3.21
N PHE A 216 6.96 27.90 -3.04
CA PHE A 216 7.40 27.11 -4.18
C PHE A 216 6.22 26.75 -5.07
N ARG A 217 5.14 26.25 -4.45
CA ARG A 217 3.95 25.85 -5.18
C ARG A 217 3.36 27.01 -6.00
N GLU A 218 3.27 28.18 -5.38
CA GLU A 218 2.73 29.35 -6.04
C GLU A 218 3.55 29.80 -7.25
N GLU A 219 4.86 29.93 -7.07
CA GLU A 219 5.70 30.38 -8.17
C GLU A 219 5.92 29.35 -9.26
N ILE A 220 6.01 28.07 -8.93
CA ILE A 220 6.20 27.06 -9.96
C ILE A 220 4.99 27.04 -10.89
N GLN A 221 3.80 27.17 -10.31
CA GLN A 221 2.58 27.18 -11.09
C GLN A 221 2.61 28.35 -12.07
N THR A 222 3.07 29.50 -11.59
CA THR A 222 3.18 30.70 -12.41
C THR A 222 4.18 30.50 -13.54
N TYR A 223 5.34 29.94 -13.21
CA TYR A 223 6.37 29.72 -14.22
C TYR A 223 5.95 28.72 -15.29
N LYS A 224 5.23 27.67 -14.91
CA LYS A 224 4.80 26.66 -15.87
C LYS A 224 3.78 27.23 -16.84
N THR A 225 2.91 28.12 -16.36
CA THR A 225 1.91 28.73 -17.22
C THR A 225 2.59 29.76 -18.14
N GLY A 226 3.66 30.37 -17.66
CA GLY A 226 4.36 31.37 -18.44
C GLY A 226 5.46 30.91 -19.36
N ARG A 227 5.65 29.59 -19.49
CA ARG A 227 6.69 29.07 -20.36
C ARG A 227 6.20 27.91 -21.23
N HIS B 1 6.15 -7.79 6.87
CA HIS B 1 5.47 -6.86 5.93
C HIS B 1 4.84 -7.56 4.72
N HIS B 2 3.62 -7.15 4.41
CA HIS B 2 2.87 -7.70 3.28
C HIS B 2 2.80 -6.59 2.23
N GLY B 3 3.75 -6.60 1.31
CA GLY B 3 3.77 -5.56 0.29
C GLY B 3 3.10 -5.93 -1.02
N ILE B 4 3.48 -5.22 -2.08
CA ILE B 4 2.91 -5.47 -3.40
C ILE B 4 3.33 -6.85 -3.90
N ARG B 5 2.37 -7.63 -4.37
CA ARG B 5 2.68 -8.96 -4.87
C ARG B 5 2.84 -8.94 -6.39
N MET B 6 3.83 -9.67 -6.88
CA MET B 6 4.11 -9.77 -8.31
C MET B 6 3.81 -11.18 -8.80
N THR B 7 3.34 -12.01 -7.88
CA THR B 7 2.96 -13.39 -8.17
C THR B 7 1.89 -13.71 -7.14
N ARG B 8 0.98 -14.62 -7.47
CA ARG B 8 -0.07 -14.96 -6.50
C ARG B 8 0.52 -15.67 -5.29
N ILE B 9 -0.13 -15.46 -4.16
CA ILE B 9 0.28 -16.05 -2.89
C ILE B 9 0.33 -17.57 -2.99
N SER B 10 1.30 -18.18 -2.32
CA SER B 10 1.42 -19.63 -2.34
C SER B 10 0.30 -20.24 -1.50
N ARG B 11 -0.09 -21.45 -1.87
CA ARG B 11 -1.13 -22.17 -1.16
C ARG B 11 -0.75 -22.32 0.31
N GLU B 12 0.52 -22.65 0.57
CA GLU B 12 0.98 -22.83 1.94
C GLU B 12 0.84 -21.57 2.79
N MET B 13 1.24 -20.42 2.24
CA MET B 13 1.13 -19.17 2.98
C MET B 13 -0.32 -18.77 3.19
N MET B 14 -1.15 -18.96 2.18
CA MET B 14 -2.57 -18.62 2.28
C MET B 14 -3.21 -19.43 3.41
N LYS B 15 -2.89 -20.71 3.48
CA LYS B 15 -3.46 -21.57 4.52
C LYS B 15 -3.06 -21.12 5.93
N GLU B 16 -1.85 -20.59 6.08
CA GLU B 16 -1.39 -20.12 7.38
C GLU B 16 -2.18 -18.88 7.80
N LEU B 17 -2.42 -17.99 6.85
CA LEU B 17 -3.16 -16.76 7.12
C LEU B 17 -4.60 -16.98 7.54
N LEU B 18 -5.21 -18.06 7.07
CA LEU B 18 -6.61 -18.34 7.38
C LEU B 18 -6.93 -18.87 8.78
N SER B 19 -5.90 -19.27 9.51
CA SER B 19 -6.07 -19.84 10.86
C SER B 19 -7.19 -19.22 11.70
N VAL B 20 -7.05 -17.94 12.04
CA VAL B 20 -8.05 -17.21 12.82
C VAL B 20 -8.31 -15.93 12.03
N TYR B 21 -9.35 -15.98 11.20
CA TYR B 21 -9.73 -14.90 10.31
C TYR B 21 -10.85 -14.06 10.89
N PHE B 22 -10.49 -12.92 11.49
CA PHE B 22 -11.47 -12.04 12.10
C PHE B 22 -12.10 -11.09 11.09
N ILE B 23 -13.42 -10.98 11.13
CA ILE B 23 -14.17 -10.10 10.24
C ILE B 23 -14.96 -9.12 11.10
N MET B 24 -14.98 -7.85 10.74
CA MET B 24 -15.72 -6.89 11.54
C MET B 24 -16.00 -5.55 10.88
N GLY B 25 -17.14 -4.98 11.29
CA GLY B 25 -17.58 -3.67 10.85
C GLY B 25 -17.97 -2.93 12.12
N SER B 26 -18.13 -1.61 12.05
CA SER B 26 -18.48 -0.82 13.24
C SER B 26 -19.79 -1.24 13.90
N ASN B 27 -20.71 -1.78 13.11
CA ASN B 27 -21.99 -2.19 13.64
C ASN B 27 -22.04 -3.62 14.19
N ASN B 28 -20.88 -4.20 14.47
CA ASN B 28 -20.81 -5.55 15.02
C ASN B 28 -20.38 -5.55 16.48
N THR B 29 -20.20 -4.37 17.05
CA THR B 29 -19.78 -4.26 18.45
C THR B 29 -20.30 -2.98 19.09
N LYS B 30 -20.41 -2.99 20.42
CA LYS B 30 -20.87 -1.82 21.17
C LYS B 30 -19.68 -1.12 21.81
N ALA B 31 -18.52 -1.76 21.71
CA ALA B 31 -17.27 -1.21 22.25
C ALA B 31 -16.69 -0.31 21.18
N ASP B 32 -15.49 0.22 21.41
CA ASP B 32 -14.87 1.07 20.40
C ASP B 32 -14.40 0.18 19.24
N PRO B 33 -14.96 0.39 18.04
CA PRO B 33 -14.60 -0.40 16.86
C PRO B 33 -13.11 -0.65 16.61
N VAL B 34 -12.34 0.43 16.51
CA VAL B 34 -10.91 0.30 16.26
C VAL B 34 -10.20 -0.48 17.37
N THR B 35 -10.59 -0.23 18.61
CA THR B 35 -9.98 -0.92 19.74
C THR B 35 -10.24 -2.43 19.67
N VAL B 36 -11.44 -2.82 19.27
CA VAL B 36 -11.76 -4.25 19.16
C VAL B 36 -10.85 -4.89 18.11
N VAL B 37 -10.65 -4.22 16.99
CA VAL B 37 -9.77 -4.75 15.95
C VAL B 37 -8.34 -4.88 16.47
N GLN B 38 -7.87 -3.87 17.18
CA GLN B 38 -6.52 -3.91 17.73
C GLN B 38 -6.36 -5.06 18.72
N LYS B 39 -7.36 -5.26 19.57
CA LYS B 39 -7.30 -6.33 20.56
C LYS B 39 -7.31 -7.72 19.91
N ALA B 40 -8.10 -7.89 18.86
CA ALA B 40 -8.17 -9.17 18.15
C ALA B 40 -6.82 -9.49 17.55
N LEU B 41 -6.17 -8.49 16.96
CA LEU B 41 -4.86 -8.68 16.36
C LEU B 41 -3.84 -8.98 17.44
N LYS B 42 -3.91 -8.25 18.55
CA LYS B 42 -3.00 -8.44 19.68
C LYS B 42 -3.13 -9.86 20.23
N GLY B 43 -4.36 -10.38 20.25
CA GLY B 43 -4.61 -11.71 20.76
C GLY B 43 -4.16 -12.84 19.85
N GLY B 44 -4.08 -12.60 18.55
CA GLY B 44 -3.64 -13.67 17.65
C GLY B 44 -4.36 -13.86 16.33
N ALA B 45 -5.25 -12.95 15.96
CA ALA B 45 -5.94 -13.10 14.68
C ALA B 45 -4.86 -13.05 13.60
N THR B 46 -4.95 -13.94 12.61
CA THR B 46 -3.95 -14.00 11.54
C THR B 46 -4.35 -13.29 10.25
N LEU B 47 -5.60 -12.87 10.15
CA LEU B 47 -6.09 -12.17 8.96
C LEU B 47 -7.31 -11.37 9.41
N TYR B 48 -7.53 -10.21 8.78
CA TYR B 48 -8.67 -9.37 9.12
C TYR B 48 -9.38 -8.88 7.88
N GLN B 49 -10.70 -8.92 7.91
CA GLN B 49 -11.53 -8.44 6.80
C GLN B 49 -12.41 -7.27 7.23
N PHE B 50 -12.30 -6.17 6.50
CA PHE B 50 -13.08 -4.97 6.73
C PHE B 50 -14.43 -5.19 6.03
N ARG B 51 -15.48 -5.36 6.82
CA ARG B 51 -16.82 -5.60 6.29
C ARG B 51 -17.77 -4.63 6.97
N GLU B 52 -18.14 -3.59 6.23
CA GLU B 52 -19.00 -2.52 6.76
C GLU B 52 -20.25 -2.39 5.89
N LYS B 53 -21.33 -3.06 6.30
CA LYS B 53 -22.57 -3.02 5.54
C LYS B 53 -23.78 -3.21 6.44
N GLY B 54 -24.95 -2.78 5.94
CA GLY B 54 -26.16 -2.88 6.72
C GLY B 54 -26.73 -1.50 6.99
N GLY B 55 -27.96 -1.45 7.47
CA GLY B 55 -28.61 -0.17 7.74
C GLY B 55 -27.88 0.80 8.66
N ASP B 56 -27.22 0.27 9.68
CA ASP B 56 -26.48 1.09 10.64
C ASP B 56 -24.99 1.22 10.31
N ALA B 57 -24.61 0.79 9.11
CA ALA B 57 -23.21 0.85 8.71
C ALA B 57 -22.75 2.27 8.40
N LEU B 58 -21.46 2.52 8.61
CA LEU B 58 -20.89 3.82 8.33
C LEU B 58 -20.83 4.02 6.82
N THR B 59 -20.91 5.28 6.39
CA THR B 59 -20.85 5.60 4.97
C THR B 59 -19.94 6.80 4.76
N GLY B 60 -19.64 7.09 3.49
CA GLY B 60 -18.81 8.24 3.17
C GLY B 60 -17.48 8.34 3.92
N GLU B 61 -17.15 9.56 4.34
CA GLU B 61 -15.91 9.82 5.05
C GLU B 61 -15.71 8.99 6.32
N ALA B 62 -16.78 8.82 7.10
CA ALA B 62 -16.66 8.04 8.33
C ALA B 62 -16.23 6.62 8.00
N ARG B 63 -16.78 6.08 6.91
CA ARG B 63 -16.47 4.73 6.48
C ARG B 63 -15.00 4.61 6.05
N ILE B 64 -14.53 5.55 5.23
CA ILE B 64 -13.14 5.52 4.75
C ILE B 64 -12.15 5.67 5.90
N LYS B 65 -12.44 6.58 6.83
CA LYS B 65 -11.56 6.80 7.97
C LYS B 65 -11.47 5.57 8.87
N PHE B 66 -12.59 4.89 9.09
CA PHE B 66 -12.55 3.70 9.92
C PHE B 66 -11.71 2.64 9.20
N ALA B 67 -11.92 2.48 7.90
CA ALA B 67 -11.15 1.51 7.12
C ALA B 67 -9.66 1.79 7.24
N GLU B 68 -9.27 3.06 7.11
CA GLU B 68 -7.87 3.43 7.21
C GLU B 68 -7.27 3.11 8.58
N LYS B 69 -8.05 3.35 9.63
CA LYS B 69 -7.57 3.06 10.98
C LYS B 69 -7.44 1.56 11.22
N ALA B 70 -8.36 0.78 10.64
CA ALA B 70 -8.30 -0.67 10.80
C ALA B 70 -7.10 -1.19 10.01
N GLN B 71 -6.85 -0.61 8.83
CA GLN B 71 -5.71 -1.02 8.01
C GLN B 71 -4.40 -0.69 8.74
N ALA B 72 -4.37 0.46 9.41
CA ALA B 72 -3.19 0.87 10.15
C ALA B 72 -2.91 -0.12 11.27
N ALA B 73 -3.97 -0.58 11.94
CA ALA B 73 -3.83 -1.55 13.03
C ALA B 73 -3.24 -2.84 12.48
N CYS B 74 -3.68 -3.25 11.29
CA CYS B 74 -3.17 -4.47 10.68
C CYS B 74 -1.70 -4.32 10.35
N ARG B 75 -1.31 -3.15 9.83
CA ARG B 75 0.09 -2.90 9.49
C ARG B 75 0.98 -2.98 10.74
N GLU B 76 0.51 -2.44 11.85
CA GLU B 76 1.27 -2.47 13.09
C GLU B 76 1.44 -3.90 13.60
N ALA B 77 0.42 -4.73 13.39
CA ALA B 77 0.45 -6.11 13.84
C ALA B 77 1.09 -7.07 12.83
N GLY B 78 1.37 -6.58 11.63
CA GLY B 78 1.98 -7.42 10.60
C GLY B 78 1.02 -8.47 10.06
N VAL B 79 -0.26 -8.08 9.96
CA VAL B 79 -1.33 -8.96 9.49
C VAL B 79 -1.98 -8.34 8.24
N PRO B 80 -2.33 -9.16 7.23
CA PRO B 80 -2.95 -8.61 6.02
C PRO B 80 -4.35 -8.03 6.25
N PHE B 81 -4.68 -7.00 5.48
CA PHE B 81 -5.96 -6.30 5.53
C PHE B 81 -6.76 -6.62 4.27
N ILE B 82 -7.89 -7.28 4.44
CA ILE B 82 -8.77 -7.69 3.33
C ILE B 82 -10.04 -6.83 3.33
N VAL B 83 -10.47 -6.40 2.14
CA VAL B 83 -11.69 -5.59 2.02
C VAL B 83 -12.82 -6.46 1.46
N ASN B 84 -14.00 -6.35 2.05
CA ASN B 84 -15.15 -7.10 1.56
C ASN B 84 -15.94 -6.31 0.52
N ASP B 85 -16.39 -6.99 -0.53
CA ASP B 85 -17.21 -6.40 -1.59
C ASP B 85 -16.64 -5.32 -2.50
N ASP B 86 -16.19 -4.21 -1.91
CA ASP B 86 -15.71 -3.04 -2.65
C ASP B 86 -14.34 -3.12 -3.32
N VAL B 87 -14.33 -3.49 -4.61
CA VAL B 87 -13.07 -3.60 -5.35
C VAL B 87 -12.35 -2.26 -5.46
N GLU B 88 -13.08 -1.19 -5.74
CA GLU B 88 -12.48 0.13 -5.87
C GLU B 88 -11.80 0.55 -4.57
N LEU B 89 -12.45 0.30 -3.44
CA LEU B 89 -11.88 0.66 -2.15
C LEU B 89 -10.60 -0.14 -1.90
N ALA B 90 -10.64 -1.43 -2.20
CA ALA B 90 -9.47 -2.28 -2.02
C ALA B 90 -8.26 -1.73 -2.79
N LEU B 91 -8.50 -1.28 -4.01
CA LEU B 91 -7.43 -0.74 -4.83
C LEU B 91 -6.98 0.63 -4.34
N ASN B 92 -7.94 1.48 -3.97
CA ASN B 92 -7.61 2.82 -3.50
C ASN B 92 -6.82 2.83 -2.20
N LEU B 93 -7.17 1.92 -1.28
CA LEU B 93 -6.50 1.83 0.02
C LEU B 93 -5.23 0.98 -0.05
N LYS B 94 -5.03 0.29 -1.16
CA LYS B 94 -3.88 -0.59 -1.33
C LYS B 94 -3.99 -1.71 -0.30
N ALA B 95 -5.17 -2.32 -0.25
CA ALA B 95 -5.44 -3.43 0.65
C ALA B 95 -4.64 -4.64 0.20
N ASP B 96 -4.51 -5.63 1.06
CA ASP B 96 -3.77 -6.83 0.72
C ASP B 96 -4.62 -7.83 -0.01
N GLY B 97 -5.92 -7.61 -0.01
CA GLY B 97 -6.82 -8.52 -0.68
C GLY B 97 -8.26 -8.06 -0.68
N ILE B 98 -9.10 -8.84 -1.35
CA ILE B 98 -10.51 -8.54 -1.47
C ILE B 98 -11.31 -9.83 -1.35
N HIS B 99 -12.46 -9.76 -0.70
CA HIS B 99 -13.33 -10.93 -0.58
C HIS B 99 -14.64 -10.61 -1.27
N ILE B 100 -15.12 -11.54 -2.09
CA ILE B 100 -16.37 -11.35 -2.82
C ILE B 100 -17.28 -12.56 -2.72
N GLY B 101 -18.58 -12.31 -2.88
CA GLY B 101 -19.58 -13.37 -2.82
C GLY B 101 -20.18 -13.63 -4.18
N GLN B 102 -21.12 -14.56 -4.24
CA GLN B 102 -21.76 -14.97 -5.49
C GLN B 102 -22.61 -13.90 -6.17
N GLU B 103 -23.01 -12.87 -5.43
CA GLU B 103 -23.84 -11.81 -5.99
C GLU B 103 -23.03 -10.52 -6.18
N ASP B 104 -21.71 -10.61 -5.97
CA ASP B 104 -20.83 -9.46 -6.15
C ASP B 104 -20.19 -9.53 -7.53
N ALA B 105 -19.16 -8.73 -7.78
CA ALA B 105 -18.51 -8.74 -9.09
C ALA B 105 -17.97 -10.14 -9.41
N ASN B 106 -18.03 -10.53 -10.69
CA ASN B 106 -17.54 -11.83 -11.12
C ASN B 106 -16.06 -11.98 -10.79
N ALA B 107 -15.70 -13.14 -10.24
CA ALA B 107 -14.32 -13.41 -9.85
C ALA B 107 -13.26 -13.26 -10.93
N LYS B 108 -13.58 -13.63 -12.17
CA LYS B 108 -12.61 -13.50 -13.25
C LYS B 108 -12.30 -12.03 -13.49
N GLU B 109 -13.31 -11.19 -13.40
CA GLU B 109 -13.14 -9.75 -13.61
C GLU B 109 -12.34 -9.15 -12.46
N VAL B 110 -12.61 -9.59 -11.23
CA VAL B 110 -11.90 -9.08 -10.07
C VAL B 110 -10.44 -9.53 -10.09
N ARG B 111 -10.20 -10.79 -10.44
CA ARG B 111 -8.85 -11.34 -10.52
C ARG B 111 -7.97 -10.48 -11.42
N ALA B 112 -8.49 -10.08 -12.58
CA ALA B 112 -7.73 -9.25 -13.51
C ALA B 112 -7.55 -7.83 -12.98
N ALA B 113 -8.57 -7.30 -12.32
CA ALA B 113 -8.50 -5.94 -11.80
C ALA B 113 -7.56 -5.71 -10.63
N ILE B 114 -7.36 -6.72 -9.79
CA ILE B 114 -6.51 -6.59 -8.61
C ILE B 114 -5.08 -7.11 -8.75
N GLY B 115 -4.69 -7.52 -9.95
CA GLY B 115 -3.36 -8.04 -10.12
C GLY B 115 -3.15 -9.32 -9.33
N ASP B 116 -2.13 -9.35 -8.48
CA ASP B 116 -1.83 -10.53 -7.69
C ASP B 116 -2.22 -10.43 -6.20
N MET B 117 -3.11 -9.50 -5.89
CA MET B 117 -3.60 -9.33 -4.51
C MET B 117 -4.35 -10.60 -4.12
N ILE B 118 -4.57 -10.79 -2.82
CA ILE B 118 -5.30 -11.96 -2.34
C ILE B 118 -6.78 -11.85 -2.73
N LEU B 119 -7.33 -12.95 -3.27
CA LEU B 119 -8.73 -12.99 -3.66
C LEU B 119 -9.48 -14.12 -2.96
N GLY B 120 -10.51 -13.75 -2.21
CA GLY B 120 -11.32 -14.75 -1.53
C GLY B 120 -12.72 -14.75 -2.14
N VAL B 121 -13.29 -15.94 -2.25
CA VAL B 121 -14.63 -16.09 -2.82
C VAL B 121 -15.51 -16.94 -1.91
N ALA B 122 -16.70 -16.45 -1.59
CA ALA B 122 -17.62 -17.22 -0.76
C ALA B 122 -18.31 -18.23 -1.66
N ALA B 123 -18.32 -19.49 -1.24
CA ALA B 123 -18.93 -20.57 -2.01
C ALA B 123 -19.83 -21.40 -1.11
N HIS B 124 -20.86 -22.01 -1.69
CA HIS B 124 -21.80 -22.81 -0.91
C HIS B 124 -22.10 -24.16 -1.54
N THR B 125 -21.61 -24.37 -2.76
CA THR B 125 -21.81 -25.64 -3.47
C THR B 125 -20.50 -26.09 -4.10
N MET B 126 -20.42 -27.37 -4.46
CA MET B 126 -19.22 -27.91 -5.09
C MET B 126 -18.93 -27.17 -6.39
N SER B 127 -19.97 -26.89 -7.16
CA SER B 127 -19.81 -26.17 -8.43
C SER B 127 -19.18 -24.81 -8.22
N GLU B 128 -19.63 -24.10 -7.18
CA GLU B 128 -19.11 -22.78 -6.87
C GLU B 128 -17.66 -22.85 -6.41
N VAL B 129 -17.29 -23.89 -5.69
CA VAL B 129 -15.91 -24.05 -5.23
C VAL B 129 -14.99 -24.26 -6.42
N LYS B 130 -15.38 -25.14 -7.34
CA LYS B 130 -14.58 -25.42 -8.52
C LYS B 130 -14.47 -24.21 -9.44
N GLN B 131 -15.56 -23.45 -9.56
CA GLN B 131 -15.55 -22.27 -10.41
C GLN B 131 -14.63 -21.21 -9.81
N ALA B 132 -14.66 -21.07 -8.48
CA ALA B 132 -13.81 -20.10 -7.82
C ALA B 132 -12.34 -20.42 -8.07
N GLU B 133 -11.99 -21.69 -7.96
CA GLU B 133 -10.61 -22.12 -8.19
C GLU B 133 -10.20 -21.81 -9.63
N GLU B 134 -11.09 -22.13 -10.58
CA GLU B 134 -10.79 -21.87 -11.99
C GLU B 134 -10.67 -20.37 -12.27
N ASP B 135 -11.48 -19.56 -11.59
CA ASP B 135 -11.46 -18.11 -11.79
C ASP B 135 -10.24 -17.42 -11.18
N GLY B 136 -9.49 -18.13 -10.35
CA GLY B 136 -8.30 -17.53 -9.76
C GLY B 136 -8.36 -17.15 -8.30
N ALA B 137 -9.34 -17.69 -7.57
CA ALA B 137 -9.45 -17.40 -6.14
C ALA B 137 -8.28 -18.02 -5.40
N ASP B 138 -7.79 -17.32 -4.38
CA ASP B 138 -6.68 -17.83 -3.58
C ASP B 138 -7.22 -18.65 -2.40
N TYR B 139 -8.47 -18.38 -2.03
CA TYR B 139 -9.12 -19.13 -0.96
C TYR B 139 -10.63 -19.02 -1.12
N VAL B 140 -11.35 -19.95 -0.50
CA VAL B 140 -12.80 -19.93 -0.51
C VAL B 140 -13.32 -19.95 0.91
N GLY B 141 -14.40 -19.21 1.13
CA GLY B 141 -15.04 -19.17 2.43
C GLY B 141 -16.29 -20.01 2.33
N LEU B 142 -16.36 -21.08 3.12
CA LEU B 142 -17.50 -21.99 3.05
C LEU B 142 -18.39 -21.90 4.28
N GLY B 143 -19.69 -21.84 4.04
CA GLY B 143 -20.64 -21.76 5.12
C GLY B 143 -22.04 -21.47 4.63
N PRO B 144 -22.98 -21.15 5.53
CA PRO B 144 -22.76 -21.07 6.97
C PRO B 144 -22.57 -22.47 7.58
N ILE B 145 -21.55 -22.63 8.41
CA ILE B 145 -21.30 -23.93 9.05
C ILE B 145 -22.36 -24.16 10.12
N TYR B 146 -22.58 -23.14 10.95
CA TYR B 146 -23.56 -23.19 12.02
C TYR B 146 -24.51 -22.00 11.91
N PRO B 147 -25.63 -22.01 12.65
CA PRO B 147 -26.57 -20.88 12.56
C PRO B 147 -25.94 -19.56 12.97
N THR B 148 -26.33 -18.49 12.27
CA THR B 148 -25.82 -17.15 12.56
C THR B 148 -26.90 -16.11 12.32
N GLU B 149 -26.88 -15.06 13.15
CA GLU B 149 -27.83 -13.97 13.02
C GLU B 149 -27.08 -12.68 12.67
N THR B 150 -25.77 -12.78 12.53
CA THR B 150 -24.95 -11.61 12.19
C THR B 150 -25.19 -11.18 10.76
N LYS B 151 -25.33 -12.16 9.87
CA LYS B 151 -25.64 -11.91 8.47
C LYS B 151 -26.98 -12.64 8.32
N LYS B 152 -28.02 -11.92 7.92
CA LYS B 152 -29.35 -12.53 7.80
C LYS B 152 -29.70 -13.11 6.44
N ASP B 153 -29.14 -12.56 5.37
CA ASP B 153 -29.44 -13.08 4.03
C ASP B 153 -28.45 -14.16 3.63
N THR B 154 -28.35 -15.20 4.47
CA THR B 154 -27.44 -16.31 4.21
C THR B 154 -28.17 -17.50 3.64
N ARG B 155 -27.43 -18.39 2.97
CA ARG B 155 -28.06 -19.58 2.44
C ARG B 155 -28.06 -20.64 3.53
N ALA B 156 -28.75 -21.75 3.27
CA ALA B 156 -28.89 -22.85 4.23
C ALA B 156 -27.63 -23.33 4.96
N VAL B 157 -27.78 -23.59 6.25
CA VAL B 157 -26.68 -24.09 7.09
C VAL B 157 -26.25 -25.44 6.51
N GLN B 158 -24.94 -25.66 6.42
CA GLN B 158 -24.43 -26.90 5.84
C GLN B 158 -23.46 -27.68 6.71
N GLY B 159 -23.23 -27.23 7.94
CA GLY B 159 -22.29 -27.93 8.80
C GLY B 159 -20.96 -28.02 8.08
N VAL B 160 -20.23 -29.11 8.27
CA VAL B 160 -18.93 -29.28 7.61
C VAL B 160 -19.04 -30.16 6.36
N SER B 161 -20.27 -30.40 5.91
CA SER B 161 -20.51 -31.27 4.74
C SER B 161 -19.77 -30.90 3.46
N LEU B 162 -19.76 -29.62 3.10
CA LEU B 162 -19.07 -29.20 1.88
C LEU B 162 -17.56 -29.28 2.04
N ILE B 163 -17.05 -28.89 3.21
CA ILE B 163 -15.62 -28.95 3.46
C ILE B 163 -15.16 -30.40 3.27
N GLU B 164 -15.90 -31.34 3.85
CA GLU B 164 -15.55 -32.74 3.73
C GLU B 164 -15.59 -33.21 2.28
N ALA B 165 -16.65 -32.84 1.57
CA ALA B 165 -16.82 -33.24 0.17
C ALA B 165 -15.69 -32.71 -0.70
N VAL B 166 -15.31 -31.47 -0.48
CA VAL B 166 -14.23 -30.86 -1.26
C VAL B 166 -12.92 -31.62 -1.08
N ARG B 167 -12.58 -31.93 0.18
CA ARG B 167 -11.34 -32.66 0.45
C ARG B 167 -11.41 -34.11 -0.01
N ARG B 168 -12.60 -34.71 0.05
CA ARG B 168 -12.72 -36.10 -0.39
C ARG B 168 -12.40 -36.24 -1.88
N GLN B 169 -12.69 -35.18 -2.64
CA GLN B 169 -12.43 -35.18 -4.07
C GLN B 169 -11.01 -34.79 -4.43
N GLY B 170 -10.19 -34.54 -3.41
CA GLY B 170 -8.80 -34.18 -3.67
C GLY B 170 -8.54 -32.72 -4.01
N ILE B 171 -9.52 -31.86 -3.78
CA ILE B 171 -9.35 -30.43 -4.06
C ILE B 171 -8.56 -29.84 -2.90
N SER B 172 -7.43 -29.19 -3.21
CA SER B 172 -6.56 -28.64 -2.18
C SER B 172 -6.60 -27.14 -1.96
N ILE B 173 -7.57 -26.46 -2.55
CA ILE B 173 -7.68 -25.01 -2.40
C ILE B 173 -7.80 -24.62 -0.93
N PRO B 174 -7.18 -23.50 -0.52
CA PRO B 174 -7.28 -23.09 0.89
C PRO B 174 -8.76 -22.83 1.23
N ILE B 175 -9.17 -23.35 2.39
CA ILE B 175 -10.55 -23.23 2.85
C ILE B 175 -10.67 -22.63 4.23
N VAL B 176 -11.63 -21.72 4.40
CA VAL B 176 -11.90 -21.17 5.72
C VAL B 176 -13.40 -21.36 5.95
N GLY B 177 -13.75 -21.83 7.14
CA GLY B 177 -15.16 -22.02 7.45
C GLY B 177 -15.70 -20.77 8.12
N ILE B 178 -16.98 -20.49 7.91
CA ILE B 178 -17.60 -19.30 8.50
C ILE B 178 -19.07 -19.53 8.86
N GLY B 179 -19.52 -18.85 9.90
CA GLY B 179 -20.91 -18.94 10.31
C GLY B 179 -21.14 -19.55 11.68
N GLY B 180 -21.45 -18.69 12.65
CA GLY B 180 -21.72 -19.15 14.01
C GLY B 180 -20.59 -19.90 14.68
N ILE B 181 -19.37 -19.64 14.26
CA ILE B 181 -18.22 -20.33 14.83
C ILE B 181 -17.78 -19.72 16.16
N THR B 182 -17.58 -20.60 17.14
CA THR B 182 -17.16 -20.21 18.48
C THR B 182 -15.94 -21.03 18.84
N ILE B 183 -15.33 -20.70 19.97
CA ILE B 183 -14.16 -21.44 20.42
C ILE B 183 -14.54 -22.89 20.70
N ASP B 184 -15.77 -23.10 21.16
CA ASP B 184 -16.25 -24.44 21.48
C ASP B 184 -16.62 -25.33 20.30
N ASN B 185 -16.93 -24.75 19.15
CA ASN B 185 -17.31 -25.57 18.00
C ASN B 185 -16.36 -25.41 16.81
N ALA B 186 -15.20 -24.79 17.03
CA ALA B 186 -14.24 -24.57 15.95
C ALA B 186 -13.44 -25.82 15.53
N ALA B 187 -13.06 -26.63 16.51
CA ALA B 187 -12.26 -27.83 16.21
C ALA B 187 -12.79 -28.70 15.07
N PRO B 188 -14.09 -29.06 15.09
CA PRO B 188 -14.64 -29.89 14.02
C PRO B 188 -14.46 -29.32 12.61
N VAL B 189 -14.41 -27.99 12.51
CA VAL B 189 -14.25 -27.35 11.21
C VAL B 189 -12.85 -27.65 10.66
N ILE B 190 -11.83 -27.60 11.53
CA ILE B 190 -10.47 -27.89 11.13
C ILE B 190 -10.33 -29.39 10.83
N GLN B 191 -10.92 -30.22 11.69
CA GLN B 191 -10.87 -31.67 11.51
C GLN B 191 -11.50 -32.11 10.19
N ALA B 192 -12.51 -31.38 9.72
CA ALA B 192 -13.18 -31.71 8.47
C ALA B 192 -12.28 -31.39 7.27
N GLY B 193 -11.25 -30.57 7.48
CA GLY B 193 -10.34 -30.25 6.39
C GLY B 193 -10.10 -28.76 6.14
N ALA B 194 -10.77 -27.89 6.90
CA ALA B 194 -10.59 -26.46 6.71
C ALA B 194 -9.21 -26.03 7.20
N ASP B 195 -8.69 -24.95 6.64
CA ASP B 195 -7.38 -24.44 7.02
C ASP B 195 -7.48 -23.36 8.09
N GLY B 196 -8.71 -23.02 8.47
CA GLY B 196 -8.93 -22.02 9.48
C GLY B 196 -10.40 -21.75 9.67
N VAL B 197 -10.71 -20.88 10.63
CA VAL B 197 -12.08 -20.50 10.91
C VAL B 197 -12.17 -18.98 10.91
N SER B 198 -13.32 -18.48 10.50
CA SER B 198 -13.54 -17.04 10.45
C SER B 198 -14.73 -16.75 11.36
N MET B 199 -14.73 -15.57 11.98
CA MET B 199 -15.79 -15.21 12.89
C MET B 199 -15.96 -13.72 13.07
N ILE B 200 -17.15 -13.32 13.48
CA ILE B 200 -17.44 -11.93 13.76
C ILE B 200 -17.81 -11.81 15.24
N SER B 201 -19.02 -12.18 15.59
CA SER B 201 -19.51 -12.05 16.97
C SER B 201 -18.73 -12.72 18.09
N ALA B 202 -18.18 -13.91 17.86
CA ALA B 202 -17.44 -14.60 18.91
C ALA B 202 -16.30 -13.75 19.48
N ILE B 203 -15.78 -12.82 18.68
CA ILE B 203 -14.71 -11.95 19.12
C ILE B 203 -15.21 -10.51 19.33
N SER B 204 -15.93 -9.98 18.36
CA SER B 204 -16.41 -8.59 18.44
C SER B 204 -17.32 -8.28 19.62
N GLN B 205 -18.07 -9.27 20.09
CA GLN B 205 -18.98 -9.04 21.20
C GLN B 205 -18.54 -9.73 22.48
N ALA B 206 -17.30 -10.21 22.50
CA ALA B 206 -16.74 -10.86 23.67
C ALA B 206 -16.39 -9.82 24.72
N GLU B 207 -16.43 -10.20 25.99
CA GLU B 207 -16.10 -9.28 27.06
C GLU B 207 -14.61 -8.91 26.98
N ASP B 208 -13.81 -9.83 26.44
CA ASP B 208 -12.38 -9.62 26.29
C ASP B 208 -11.95 -10.15 24.91
N PRO B 209 -12.05 -9.30 23.88
CA PRO B 209 -11.67 -9.69 22.51
C PRO B 209 -10.25 -10.24 22.37
N GLU B 210 -9.31 -9.70 23.13
CA GLU B 210 -7.93 -10.17 23.06
C GLU B 210 -7.87 -11.63 23.51
N SER B 211 -8.49 -11.91 24.64
CA SER B 211 -8.51 -13.27 25.20
C SER B 211 -9.23 -14.22 24.25
N ALA B 212 -10.32 -13.74 23.65
CA ALA B 212 -11.10 -14.54 22.72
C ALA B 212 -10.22 -14.97 21.54
N ALA B 213 -9.53 -14.00 20.97
CA ALA B 213 -8.65 -14.28 19.83
C ALA B 213 -7.54 -15.24 20.21
N ARG B 214 -6.97 -15.06 21.41
CA ARG B 214 -5.89 -15.93 21.86
C ARG B 214 -6.38 -17.37 22.01
N LYS B 215 -7.57 -17.54 22.58
CA LYS B 215 -8.11 -18.88 22.75
C LYS B 215 -8.36 -19.52 21.40
N PHE B 216 -8.87 -18.75 20.44
CA PHE B 216 -9.11 -19.28 19.10
C PHE B 216 -7.77 -19.76 18.51
N ARG B 217 -6.76 -18.90 18.62
CA ARG B 217 -5.44 -19.21 18.10
C ARG B 217 -4.86 -20.50 18.68
N GLU B 218 -4.96 -20.66 20.00
CA GLU B 218 -4.42 -21.87 20.62
C GLU B 218 -5.18 -23.12 20.18
N GLU B 219 -6.51 -23.02 20.13
CA GLU B 219 -7.34 -24.14 19.71
C GLU B 219 -7.08 -24.54 18.27
N ILE B 220 -7.07 -23.57 17.36
CA ILE B 220 -6.82 -23.85 15.94
C ILE B 220 -5.44 -24.42 15.69
N GLN B 221 -4.42 -23.88 16.34
CA GLN B 221 -3.06 -24.36 16.15
C GLN B 221 -2.94 -25.82 16.59
N THR B 222 -3.59 -26.15 17.70
CA THR B 222 -3.54 -27.51 18.22
C THR B 222 -4.11 -28.51 17.22
N TYR B 223 -5.24 -28.19 16.61
CA TYR B 223 -5.84 -29.10 15.65
C TYR B 223 -5.20 -29.10 14.26
N LYS B 224 -4.57 -27.99 13.88
CA LYS B 224 -3.92 -27.94 12.58
C LYS B 224 -2.63 -28.75 12.63
N THR B 225 -2.05 -28.85 13.83
CA THR B 225 -0.83 -29.61 14.03
C THR B 225 -1.11 -31.12 13.90
N GLY B 226 -2.30 -31.53 14.28
CA GLY B 226 -2.67 -32.94 14.21
C GLY B 226 -3.23 -33.37 12.87
N ARG B 227 -3.26 -32.56 11.93
#